data_8IN3
#
_entry.id   8IN3
#
_cell.length_a   42.180
_cell.length_b   65.330
_cell.length_c   66.510
_cell.angle_alpha   90.000
_cell.angle_beta   90.000
_cell.angle_gamma   90.000
#
_symmetry.space_group_name_H-M   'P 21 21 21'
#
loop_
_entity.id
_entity.type
_entity.pdbx_description
1 polymer '25 kDa polyphenol-binding protein'
2 non-polymer GLYCEROL
3 water water
#
_entity_poly.entity_id   1
_entity_poly.type   'polypeptide(L)'
_entity_poly.pdbx_seq_one_letter_code
;MVTKVLLVSLALFALGTCQVAVNLCTQYGWPNGNYPDPYDCRKYISCNGAVATVMSCALGTVFNPNTRNCDAYGNVPICQ
YALPSPIVVTNICNQYGWGNGNFYHPYNCAEYIGCANGLTTVNACGAGQYYDQALGRCALAGTGYCRQYVFTPPPAPVVY
PDGFDTYCSANNLATGIHPDPYSCFSYVECTFGRTTHMPCPAGLSFDRSLLVCDGNRYQNCGGNVLVGK
;
_entity_poly.pdbx_strand_id   A
#
loop_
_chem_comp.id
_chem_comp.type
_chem_comp.name
_chem_comp.formula
GOL non-polymer GLYCEROL 'C3 H8 O3'
#
# COMPACT_ATOMS: atom_id res chain seq x y z
N ALA A 21 12.48 -19.59 4.49
CA ALA A 21 11.90 -18.77 3.43
C ALA A 21 10.56 -19.35 2.98
N VAL A 22 10.52 -20.67 2.80
CA VAL A 22 9.31 -21.32 2.31
C VAL A 22 8.16 -21.24 3.32
N ASN A 23 8.45 -20.93 4.58
CA ASN A 23 7.43 -20.92 5.62
C ASN A 23 7.01 -19.51 6.03
N LEU A 24 7.37 -18.47 5.27
CA LEU A 24 7.00 -17.11 5.66
C LEU A 24 5.49 -16.91 5.66
N CYS A 25 4.79 -17.54 4.72
CA CYS A 25 3.35 -17.34 4.62
C CYS A 25 2.67 -17.72 5.93
N THR A 26 2.99 -18.91 6.45
CA THR A 26 2.39 -19.33 7.71
C THR A 26 3.02 -18.60 8.90
N GLN A 27 4.30 -18.25 8.83
CA GLN A 27 4.94 -17.56 9.95
C GLN A 27 4.15 -16.31 10.32
N TYR A 28 3.76 -15.53 9.33
CA TYR A 28 3.04 -14.28 9.55
C TYR A 28 1.55 -14.46 9.67
N GLY A 29 1.03 -15.67 9.45
CA GLY A 29 -0.41 -15.85 9.40
C GLY A 29 -1.04 -15.15 8.21
N TRP A 30 -0.43 -15.30 7.04
CA TRP A 30 -0.87 -14.65 5.80
C TRP A 30 -1.82 -15.54 5.01
N PRO A 31 -2.84 -14.97 4.38
CA PRO A 31 -3.57 -15.70 3.35
C PRO A 31 -2.68 -15.98 2.15
N ASN A 32 -3.10 -16.92 1.32
CA ASN A 32 -2.44 -17.08 0.04
C ASN A 32 -2.57 -15.79 -0.78
N GLY A 33 -1.57 -15.55 -1.63
CA GLY A 33 -1.50 -14.34 -2.40
C GLY A 33 -0.04 -13.93 -2.57
N ASN A 34 0.16 -12.74 -3.13
CA ASN A 34 1.49 -12.24 -3.43
C ASN A 34 1.92 -11.20 -2.41
N TYR A 35 3.19 -11.24 -2.02
CA TYR A 35 3.75 -10.38 -0.99
C TYR A 35 5.12 -9.90 -1.44
N PRO A 36 5.59 -8.77 -0.93
CA PRO A 36 6.89 -8.26 -1.38
C PRO A 36 8.03 -9.15 -0.93
N ASP A 37 9.03 -9.24 -1.79
CA ASP A 37 10.32 -9.77 -1.39
C ASP A 37 11.16 -8.62 -0.86
N PRO A 38 11.67 -8.69 0.37
CA PRO A 38 12.34 -7.53 0.97
C PRO A 38 13.75 -7.28 0.44
N TYR A 39 14.28 -8.17 -0.40
CA TYR A 39 15.63 -8.02 -0.91
C TYR A 39 15.68 -7.57 -2.36
N ASP A 40 14.66 -7.89 -3.16
CA ASP A 40 14.72 -7.69 -4.60
C ASP A 40 13.31 -7.39 -5.07
N CYS A 41 13.06 -6.15 -5.47
CA CYS A 41 11.74 -5.76 -5.96
C CYS A 41 11.45 -6.24 -7.37
N ARG A 42 12.40 -6.90 -8.04
CA ARG A 42 12.10 -7.61 -9.27
C ARG A 42 11.46 -8.97 -9.01
N LYS A 43 11.39 -9.39 -7.75
CA LYS A 43 10.86 -10.67 -7.33
C LYS A 43 9.73 -10.42 -6.34
N TYR A 44 9.02 -11.49 -5.99
CA TYR A 44 7.97 -11.41 -4.99
C TYR A 44 7.82 -12.78 -4.35
N ILE A 45 7.16 -12.78 -3.20
CA ILE A 45 6.85 -14.01 -2.48
C ILE A 45 5.44 -14.43 -2.89
N SER A 46 5.33 -15.59 -3.52
CA SER A 46 4.03 -16.17 -3.86
C SER A 46 3.68 -17.17 -2.78
N CYS A 47 2.61 -16.87 -2.04
CA CYS A 47 2.05 -17.79 -1.06
C CYS A 47 0.94 -18.56 -1.76
N ASN A 48 1.17 -19.84 -1.99
CA ASN A 48 0.28 -20.68 -2.77
C ASN A 48 0.14 -21.97 -1.98
N GLY A 49 -1.08 -22.36 -1.63
CA GLY A 49 -1.22 -23.53 -0.78
C GLY A 49 -0.47 -23.41 0.53
N ALA A 50 -0.36 -22.21 1.08
CA ALA A 50 0.31 -21.96 2.36
C ALA A 50 1.81 -22.22 2.32
N VAL A 51 2.40 -22.27 1.12
CA VAL A 51 3.83 -22.46 0.90
C VAL A 51 4.37 -21.24 0.16
N ALA A 52 5.50 -20.72 0.61
CA ALA A 52 6.15 -19.58 -0.03
C ALA A 52 7.11 -20.02 -1.12
N THR A 53 6.97 -19.45 -2.31
CA THR A 53 7.95 -19.59 -3.37
C THR A 53 8.29 -18.20 -3.85
N VAL A 54 9.58 -17.86 -3.84
CA VAL A 54 10.01 -16.61 -4.45
C VAL A 54 9.90 -16.76 -5.97
N MET A 55 9.26 -15.80 -6.61
N MET A 55 9.26 -15.79 -6.61
CA MET A 55 9.08 -15.83 -8.05
CA MET A 55 9.04 -15.80 -8.05
C MET A 55 9.64 -14.55 -8.66
C MET A 55 9.60 -14.53 -8.67
N SER A 56 9.98 -14.63 -9.93
CA SER A 56 10.53 -13.50 -10.68
C SER A 56 9.46 -12.87 -11.54
N CYS A 57 9.38 -11.55 -11.52
CA CYS A 57 8.59 -10.84 -12.50
C CYS A 57 9.27 -10.95 -13.87
N ALA A 58 8.46 -11.03 -14.91
CA ALA A 58 9.01 -11.04 -16.25
C ALA A 58 9.83 -9.77 -16.49
N LEU A 59 10.89 -9.90 -17.28
CA LEU A 59 11.74 -8.74 -17.56
C LEU A 59 10.90 -7.60 -18.13
N GLY A 60 11.22 -6.39 -17.71
CA GLY A 60 10.38 -5.24 -18.00
C GLY A 60 9.39 -4.91 -16.91
N THR A 61 9.21 -5.80 -15.94
CA THR A 61 8.27 -5.58 -14.85
C THR A 61 8.95 -5.84 -13.50
N VAL A 62 8.40 -5.20 -12.46
CA VAL A 62 8.83 -5.35 -11.08
C VAL A 62 7.59 -5.47 -10.21
N PHE A 63 7.79 -5.88 -8.96
CA PHE A 63 6.66 -6.09 -8.07
C PHE A 63 6.12 -4.74 -7.60
N ASN A 64 4.86 -4.47 -7.92
CA ASN A 64 4.20 -3.25 -7.48
C ASN A 64 3.54 -3.53 -6.15
N PRO A 65 4.01 -2.91 -5.06
CA PRO A 65 3.43 -3.22 -3.74
C PRO A 65 1.96 -2.90 -3.64
N ASN A 66 1.45 -2.02 -4.48
CA ASN A 66 0.08 -1.57 -4.38
C ASN A 66 -0.91 -2.37 -5.22
N THR A 67 -0.43 -3.08 -6.24
CA THR A 67 -1.29 -3.99 -6.99
C THR A 67 -1.07 -5.45 -6.59
N ARG A 68 -0.05 -5.73 -5.78
CA ARG A 68 0.31 -7.09 -5.41
C ARG A 68 0.62 -7.95 -6.63
N ASN A 69 1.12 -7.32 -7.70
CA ASN A 69 1.46 -8.02 -8.93
C ASN A 69 2.60 -7.29 -9.62
N CYS A 70 3.22 -7.99 -10.56
CA CYS A 70 4.25 -7.37 -11.37
C CYS A 70 3.64 -6.28 -12.24
N ASP A 71 4.42 -5.25 -12.51
CA ASP A 71 3.93 -4.06 -13.18
C ASP A 71 5.10 -3.39 -13.90
N ALA A 72 4.76 -2.55 -14.89
CA ALA A 72 5.77 -1.83 -15.65
C ALA A 72 6.67 -1.02 -14.72
N TYR A 73 7.97 -0.98 -15.08
CA TYR A 73 8.97 -0.25 -14.30
C TYR A 73 8.50 1.13 -13.88
N GLY A 74 7.93 1.89 -14.83
CA GLY A 74 7.57 3.27 -14.59
C GLY A 74 6.49 3.46 -13.54
N ASN A 75 5.71 2.41 -13.26
CA ASN A 75 4.69 2.48 -12.22
C ASN A 75 5.27 2.25 -10.83
N VAL A 76 6.53 1.85 -10.72
CA VAL A 76 7.14 1.54 -9.42
C VAL A 76 8.48 2.26 -9.32
N PRO A 77 8.51 3.58 -9.14
CA PRO A 77 9.80 4.29 -9.12
C PRO A 77 10.66 3.96 -7.92
N ILE A 78 10.08 3.36 -6.87
CA ILE A 78 10.87 2.92 -5.71
C ILE A 78 11.64 1.63 -5.97
N CYS A 79 11.49 1.04 -7.15
CA CYS A 79 12.28 -0.13 -7.54
C CYS A 79 13.27 0.27 -8.63
N GLN A 80 14.52 0.48 -8.24
CA GLN A 80 15.59 0.84 -9.18
C GLN A 80 16.26 -0.46 -9.62
N TYR A 81 15.61 -1.11 -10.61
CA TYR A 81 15.85 -2.52 -10.89
C TYR A 81 17.26 -2.83 -11.37
N ALA A 82 18.00 -1.84 -11.87
CA ALA A 82 19.35 -2.08 -12.33
C ALA A 82 20.38 -2.07 -11.21
N LEU A 83 19.98 -1.71 -9.99
CA LEU A 83 20.91 -1.47 -8.90
C LEU A 83 21.15 -2.71 -8.07
N PRO A 84 22.32 -2.76 -7.34
CA PRO A 84 22.60 -3.82 -6.37
C PRO A 84 21.44 -4.14 -5.46
N SER A 85 21.09 -3.13 -4.68
CA SER A 85 19.95 -3.15 -3.78
C SER A 85 18.90 -2.32 -4.51
N PRO A 86 18.00 -2.96 -5.26
CA PRO A 86 17.06 -2.19 -6.10
C PRO A 86 15.94 -1.50 -5.34
N ILE A 87 15.66 -1.91 -4.10
CA ILE A 87 14.59 -1.26 -3.34
C ILE A 87 15.14 0.05 -2.81
N VAL A 88 14.59 1.18 -3.28
CA VAL A 88 15.07 2.51 -2.92
C VAL A 88 13.86 3.31 -2.46
N VAL A 89 13.61 3.32 -1.15
CA VAL A 89 12.52 4.08 -0.56
C VAL A 89 13.02 5.28 0.24
N THR A 90 14.29 5.63 0.09
CA THR A 90 14.91 6.68 0.90
C THR A 90 14.49 8.08 0.51
N ASN A 91 13.72 8.25 -0.56
CA ASN A 91 13.11 9.54 -0.89
C ASN A 91 11.61 9.40 -1.10
N ILE A 92 11.00 8.38 -0.50
CA ILE A 92 9.61 8.06 -0.82
C ILE A 92 8.65 9.16 -0.41
N CYS A 93 8.93 9.87 0.70
CA CYS A 93 8.00 10.90 1.14
C CYS A 93 7.87 11.99 0.09
N ASN A 94 8.99 12.41 -0.50
CA ASN A 94 8.95 13.38 -1.59
C ASN A 94 8.43 12.75 -2.87
N GLN A 95 8.86 11.54 -3.17
CA GLN A 95 8.46 10.92 -4.43
CA GLN A 95 8.47 10.88 -4.41
C GLN A 95 6.95 10.82 -4.57
N TYR A 96 6.26 10.46 -3.49
CA TYR A 96 4.82 10.26 -3.55
C TYR A 96 4.02 11.34 -2.84
N GLY A 97 4.65 12.25 -2.13
CA GLY A 97 3.91 13.29 -1.44
C GLY A 97 3.22 12.83 -0.18
N TRP A 98 3.86 11.95 0.58
CA TRP A 98 3.28 11.48 1.84
C TRP A 98 3.37 12.57 2.90
N GLY A 99 2.31 12.70 3.71
CA GLY A 99 2.28 13.65 4.79
C GLY A 99 3.09 13.18 5.99
N ASN A 100 3.11 14.01 7.02
CA ASN A 100 3.92 13.72 8.19
C ASN A 100 3.37 12.53 8.95
N GLY A 101 4.29 11.71 9.48
CA GLY A 101 3.91 10.56 10.28
C GLY A 101 4.78 9.36 9.95
N ASN A 102 4.41 8.22 10.53
CA ASN A 102 5.07 6.95 10.28
C ASN A 102 4.19 6.08 9.38
N PHE A 103 4.84 5.33 8.50
CA PHE A 103 4.17 4.51 7.52
C PHE A 103 4.92 3.19 7.40
N TYR A 104 4.21 2.14 6.98
CA TYR A 104 4.86 0.88 6.67
C TYR A 104 5.90 1.07 5.56
N HIS A 105 6.88 0.16 5.54
CA HIS A 105 7.85 0.08 4.47
C HIS A 105 7.24 -0.81 3.39
N PRO A 106 7.09 -0.34 2.14
CA PRO A 106 6.38 -1.13 1.13
C PRO A 106 6.95 -2.50 0.86
N TYR A 107 8.23 -2.76 1.16
CA TYR A 107 8.81 -4.07 0.86
C TYR A 107 9.24 -4.88 2.08
N ASN A 108 9.17 -4.34 3.29
CA ASN A 108 9.83 -4.98 4.42
C ASN A 108 9.04 -4.78 5.71
N CYS A 109 8.51 -5.88 6.25
CA CYS A 109 7.69 -5.81 7.46
C CYS A 109 8.47 -5.36 8.68
N ALA A 110 9.80 -5.52 8.67
CA ALA A 110 10.63 -5.22 9.83
C ALA A 110 11.19 -3.80 9.81
N GLU A 111 10.76 -2.98 8.85
CA GLU A 111 11.19 -1.60 8.74
C GLU A 111 9.96 -0.72 8.61
N TYR A 112 10.18 0.58 8.67
CA TYR A 112 9.09 1.54 8.50
C TYR A 112 9.70 2.86 8.04
N ILE A 113 8.83 3.81 7.75
CA ILE A 113 9.21 5.07 7.11
C ILE A 113 8.66 6.20 7.97
N GLY A 114 9.49 7.18 8.28
CA GLY A 114 9.05 8.43 8.86
C GLY A 114 9.12 9.52 7.80
N CYS A 115 8.06 10.34 7.74
CA CYS A 115 8.05 11.50 6.87
C CYS A 115 7.93 12.76 7.72
N ALA A 116 8.82 13.72 7.44
CA ALA A 116 8.82 14.99 8.16
C ALA A 116 8.98 16.09 7.12
N ASN A 117 7.85 16.68 6.72
CA ASN A 117 7.84 17.80 5.78
C ASN A 117 8.62 17.47 4.51
N GLY A 118 8.36 16.27 3.98
CA GLY A 118 9.01 15.83 2.76
C GLY A 118 10.29 15.07 2.96
N LEU A 119 10.88 15.12 4.15
N LEU A 119 10.92 15.15 4.14
CA LEU A 119 12.13 14.41 4.41
CA LEU A 119 12.14 14.41 4.39
C LEU A 119 11.83 12.99 4.88
C LEU A 119 11.80 12.99 4.84
N THR A 120 12.46 12.02 4.23
CA THR A 120 12.25 10.61 4.54
C THR A 120 13.30 10.13 5.53
N THR A 121 12.86 9.33 6.49
CA THR A 121 13.76 8.53 7.32
C THR A 121 13.35 7.07 7.18
N VAL A 122 14.30 6.20 6.85
CA VAL A 122 14.03 4.77 6.85
C VAL A 122 14.45 4.18 8.18
N ASN A 123 13.49 3.60 8.88
CA ASN A 123 13.66 3.12 10.24
C ASN A 123 13.61 1.61 10.26
N ALA A 124 14.17 1.02 11.31
CA ALA A 124 14.13 -0.42 11.50
C ALA A 124 13.59 -0.75 12.89
N CYS A 125 12.76 -1.77 12.95
CA CYS A 125 12.33 -2.29 14.24
C CYS A 125 13.48 -3.02 14.92
N GLY A 126 13.37 -3.13 16.23
CA GLY A 126 14.36 -3.87 16.99
C GLY A 126 14.39 -5.33 16.60
N ALA A 127 15.48 -5.98 17.00
CA ALA A 127 15.71 -7.38 16.68
C ALA A 127 14.49 -8.21 17.04
N GLY A 128 14.03 -9.00 16.07
CA GLY A 128 12.86 -9.82 16.31
C GLY A 128 11.55 -9.09 16.42
N GLN A 129 11.47 -7.84 15.99
CA GLN A 129 10.22 -7.09 16.02
C GLN A 129 9.76 -6.75 14.61
N TYR A 130 8.47 -6.45 14.49
CA TYR A 130 7.82 -6.24 13.20
C TYR A 130 6.94 -5.02 13.30
N TYR A 131 6.87 -4.23 12.24
CA TYR A 131 6.12 -2.98 12.28
C TYR A 131 4.62 -3.26 12.21
N ASP A 132 3.88 -2.66 13.14
CA ASP A 132 2.42 -2.75 13.17
C ASP A 132 1.89 -1.40 12.70
N GLN A 133 1.35 -1.37 11.49
CA GLN A 133 0.92 -0.11 10.90
C GLN A 133 -0.28 0.48 11.63
N ALA A 134 -1.17 -0.36 12.14
CA ALA A 134 -2.35 0.14 12.84
C ALA A 134 -1.94 0.88 14.12
N LEU A 135 -0.95 0.35 14.83
CA LEU A 135 -0.48 0.98 16.06
C LEU A 135 0.60 2.02 15.83
N GLY A 136 1.29 1.97 14.69
CA GLY A 136 2.37 2.89 14.43
C GLY A 136 3.65 2.62 15.19
N ARG A 137 3.89 1.37 15.58
CA ARG A 137 5.12 1.01 16.28
C ARG A 137 5.41 -0.47 16.03
N CYS A 138 6.59 -0.90 16.48
CA CYS A 138 7.11 -2.26 16.32
C CYS A 138 6.69 -3.14 17.50
N ALA A 139 6.66 -4.46 17.25
CA ALA A 139 6.43 -5.42 18.33
C ALA A 139 7.01 -6.78 17.96
N LEU A 140 7.26 -7.60 18.98
CA LEU A 140 7.71 -8.97 18.76
C LEU A 140 6.62 -9.74 18.00
N ALA A 141 7.04 -10.84 17.39
CA ALA A 141 6.13 -11.67 16.61
C ALA A 141 4.92 -12.08 17.45
N GLY A 142 3.75 -12.05 16.83
CA GLY A 142 2.54 -12.52 17.47
C GLY A 142 1.95 -13.72 16.76
N THR A 143 0.64 -13.64 16.46
CA THR A 143 -0.10 -14.71 15.79
C THR A 143 -1.01 -14.01 14.78
N GLY A 144 -0.46 -13.75 13.61
CA GLY A 144 -1.13 -12.96 12.61
C GLY A 144 -0.57 -11.56 12.61
N TYR A 145 0.48 -11.33 11.84
CA TYR A 145 1.16 -10.03 11.85
C TYR A 145 1.64 -9.74 10.44
N CYS A 146 2.40 -8.66 10.30
CA CYS A 146 2.69 -8.13 8.96
C CYS A 146 1.40 -7.96 8.17
N ARG A 147 0.36 -7.49 8.86
CA ARG A 147 -0.96 -7.34 8.25
C ARG A 147 -1.00 -6.24 7.20
N GLN A 148 -0.02 -5.33 7.20
CA GLN A 148 -0.02 -4.22 6.26
C GLN A 148 0.15 -4.67 4.81
N TYR A 149 0.53 -5.93 4.57
CA TYR A 149 0.63 -6.49 3.23
C TYR A 149 -0.61 -7.28 2.83
N VAL A 150 -1.62 -7.30 3.69
CA VAL A 150 -2.83 -8.10 3.49
C VAL A 150 -3.96 -7.14 3.14
N PHE A 151 -4.34 -7.08 1.88
CA PHE A 151 -5.38 -6.17 1.42
C PHE A 151 -5.79 -6.58 0.02
N THR A 152 -6.97 -6.10 -0.40
CA THR A 152 -7.46 -6.34 -1.76
C THR A 152 -7.21 -5.08 -2.58
N PRO A 153 -6.34 -5.12 -3.59
CA PRO A 153 -6.10 -3.93 -4.39
C PRO A 153 -7.35 -3.56 -5.18
N PRO A 154 -7.57 -2.28 -5.42
CA PRO A 154 -8.61 -1.88 -6.37
C PRO A 154 -8.21 -2.30 -7.78
N PRO A 155 -9.13 -2.27 -8.73
CA PRO A 155 -8.75 -2.51 -10.13
C PRO A 155 -7.72 -1.50 -10.59
N ALA A 156 -6.94 -1.90 -11.60
CA ALA A 156 -5.95 -1.04 -12.22
C ALA A 156 -6.05 -1.19 -13.74
N PRO A 157 -6.60 -0.20 -14.46
CA PRO A 157 -7.08 1.08 -13.94
C PRO A 157 -8.42 0.94 -13.23
N VAL A 158 -8.75 1.90 -12.38
CA VAL A 158 -10.10 1.98 -11.82
C VAL A 158 -10.99 2.55 -12.92
N VAL A 159 -11.97 1.77 -13.34
CA VAL A 159 -12.89 2.22 -14.39
C VAL A 159 -14.11 2.86 -13.72
N TYR A 160 -14.37 4.12 -14.08
CA TYR A 160 -15.53 4.84 -13.57
C TYR A 160 -16.64 4.84 -14.60
N PRO A 161 -17.89 4.67 -14.19
CA PRO A 161 -18.98 4.68 -15.16
C PRO A 161 -19.19 6.09 -15.69
N ASP A 162 -19.53 6.17 -16.98
CA ASP A 162 -20.03 7.43 -17.50
C ASP A 162 -21.16 7.91 -16.61
N GLY A 163 -21.11 9.19 -16.26
CA GLY A 163 -22.09 9.78 -15.37
C GLY A 163 -21.67 9.85 -13.92
N PHE A 164 -20.49 9.34 -13.59
CA PHE A 164 -20.04 9.45 -12.20
C PHE A 164 -19.94 10.89 -11.74
N ASP A 165 -19.81 11.85 -12.67
CA ASP A 165 -19.82 13.26 -12.29
C ASP A 165 -21.09 13.69 -11.58
N THR A 166 -22.15 12.87 -11.57
CA THR A 166 -23.36 13.19 -10.82
C THR A 166 -23.32 12.74 -9.36
N TYR A 167 -22.24 12.10 -8.93
CA TYR A 167 -22.23 11.40 -7.64
C TYR A 167 -22.60 12.32 -6.48
N CYS A 168 -21.95 13.49 -6.38
CA CYS A 168 -22.18 14.37 -5.24
C CYS A 168 -23.61 14.88 -5.22
N SER A 169 -24.09 15.31 -6.37
CA SER A 169 -25.45 15.84 -6.44
C SER A 169 -26.49 14.75 -6.19
N ALA A 170 -26.29 13.58 -6.80
CA ALA A 170 -27.29 12.51 -6.68
C ALA A 170 -27.39 11.99 -5.25
N ASN A 171 -26.30 11.98 -4.51
CA ASN A 171 -26.27 11.54 -3.13
C ASN A 171 -26.47 12.69 -2.14
N ASN A 172 -26.73 13.89 -2.64
CA ASN A 172 -26.94 15.07 -1.79
C ASN A 172 -25.79 15.27 -0.81
N LEU A 173 -24.57 15.10 -1.28
CA LEU A 173 -23.42 15.11 -0.40
C LEU A 173 -23.02 16.54 -0.05
N ALA A 174 -22.64 16.74 1.20
CA ALA A 174 -22.19 18.05 1.64
C ALA A 174 -20.83 18.38 1.02
N THR A 175 -20.56 19.68 0.91
CA THR A 175 -19.26 20.11 0.41
C THR A 175 -18.15 19.55 1.29
N GLY A 176 -17.10 19.04 0.65
CA GLY A 176 -15.97 18.46 1.33
C GLY A 176 -15.65 17.09 0.79
N ILE A 177 -14.96 16.30 1.62
CA ILE A 177 -14.34 15.04 1.22
C ILE A 177 -15.25 13.88 1.58
N HIS A 178 -15.31 12.89 0.70
CA HIS A 178 -16.15 11.72 0.89
C HIS A 178 -15.39 10.52 0.36
N PRO A 179 -15.75 9.31 0.79
CA PRO A 179 -15.14 8.13 0.18
C PRO A 179 -15.44 8.04 -1.30
N ASP A 180 -14.52 7.41 -2.02
CA ASP A 180 -14.75 7.05 -3.41
C ASP A 180 -15.24 5.61 -3.44
N PRO A 181 -16.49 5.36 -3.85
CA PRO A 181 -17.03 4.00 -3.78
C PRO A 181 -16.47 3.06 -4.83
N TYR A 182 -15.64 3.54 -5.74
CA TYR A 182 -15.00 2.69 -6.74
C TYR A 182 -13.60 2.26 -6.35
N SER A 183 -12.98 2.88 -5.35
CA SER A 183 -11.61 2.53 -5.03
C SER A 183 -11.21 2.99 -3.63
N CYS A 184 -10.68 2.05 -2.85
CA CYS A 184 -10.15 2.37 -1.54
C CYS A 184 -8.84 3.15 -1.60
N PHE A 185 -8.27 3.32 -2.79
CA PHE A 185 -7.08 4.16 -2.96
C PHE A 185 -7.43 5.61 -3.31
N SER A 186 -8.70 5.99 -3.27
CA SER A 186 -9.12 7.27 -3.82
C SER A 186 -10.16 7.89 -2.90
N TYR A 187 -10.43 9.18 -3.12
CA TYR A 187 -11.50 9.88 -2.43
C TYR A 187 -12.20 10.82 -3.40
N VAL A 188 -13.41 11.20 -3.00
CA VAL A 188 -14.25 12.12 -3.74
C VAL A 188 -14.21 13.48 -3.05
N GLU A 189 -14.26 14.56 -3.84
CA GLU A 189 -14.49 15.89 -3.32
C GLU A 189 -15.74 16.45 -3.96
N CYS A 190 -16.59 17.05 -3.13
CA CYS A 190 -17.82 17.69 -3.57
C CYS A 190 -17.69 19.18 -3.34
N THR A 191 -17.96 19.98 -4.37
CA THR A 191 -17.80 21.42 -4.30
C THR A 191 -18.99 22.07 -4.97
N PHE A 192 -19.92 22.58 -4.16
CA PHE A 192 -21.18 23.15 -4.64
C PHE A 192 -21.85 22.22 -5.64
N GLY A 193 -21.92 20.94 -5.28
CA GLY A 193 -22.59 19.94 -6.07
C GLY A 193 -21.78 19.36 -7.20
N ARG A 194 -20.55 19.82 -7.42
CA ARG A 194 -19.71 19.28 -8.46
C ARG A 194 -18.79 18.19 -7.90
N THR A 195 -18.63 17.12 -8.66
CA THR A 195 -17.90 15.93 -8.21
C THR A 195 -16.53 15.87 -8.86
N THR A 196 -15.49 15.67 -8.06
CA THR A 196 -14.20 15.23 -8.55
C THR A 196 -13.74 14.06 -7.69
N HIS A 197 -12.79 13.31 -8.20
CA HIS A 197 -12.18 12.24 -7.41
C HIS A 197 -10.68 12.21 -7.68
N MET A 198 -9.93 11.72 -6.70
N MET A 198 -9.94 11.74 -6.69
CA MET A 198 -8.48 11.88 -6.64
CA MET A 198 -8.52 11.76 -6.84
C MET A 198 -7.87 10.65 -5.97
C MET A 198 -7.86 10.67 -6.01
N PRO A 199 -6.87 10.00 -6.57
CA PRO A 199 -6.17 8.95 -5.84
C PRO A 199 -5.36 9.52 -4.70
N CYS A 200 -5.31 8.76 -3.60
CA CYS A 200 -4.35 9.03 -2.56
C CYS A 200 -2.93 8.87 -3.12
N PRO A 201 -1.93 9.45 -2.45
CA PRO A 201 -0.54 9.18 -2.82
C PRO A 201 -0.27 7.68 -2.85
N ALA A 202 0.59 7.27 -3.78
CA ALA A 202 0.83 5.84 -3.98
C ALA A 202 1.27 5.16 -2.69
N GLY A 203 0.60 4.06 -2.37
CA GLY A 203 0.82 3.36 -1.13
C GLY A 203 -0.12 3.75 -0.01
N LEU A 204 -0.75 4.92 -0.13
CA LEU A 204 -1.74 5.34 0.85
C LEU A 204 -3.14 4.95 0.37
N SER A 205 -4.07 4.95 1.31
CA SER A 205 -5.44 4.52 1.02
C SER A 205 -6.36 5.32 1.94
N PHE A 206 -7.66 5.28 1.64
CA PHE A 206 -8.56 6.26 2.21
C PHE A 206 -9.27 5.72 3.44
N ASP A 207 -9.03 6.36 4.58
CA ASP A 207 -9.71 6.04 5.83
C ASP A 207 -11.09 6.69 5.80
N ARG A 208 -12.13 5.87 5.70
CA ARG A 208 -13.50 6.37 5.56
C ARG A 208 -14.08 6.90 6.85
N SER A 209 -13.41 6.70 7.98
CA SER A 209 -13.87 7.22 9.26
C SER A 209 -13.31 8.60 9.54
N LEU A 210 -12.02 8.82 9.25
CA LEU A 210 -11.38 10.10 9.48
C LEU A 210 -11.22 10.93 8.22
N LEU A 211 -11.54 10.36 7.05
CA LEU A 211 -11.57 11.08 5.79
C LEU A 211 -10.19 11.62 5.38
N VAL A 212 -9.17 10.77 5.53
CA VAL A 212 -7.81 11.12 5.16
C VAL A 212 -7.16 9.91 4.52
N CYS A 213 -6.18 10.16 3.67
CA CYS A 213 -5.34 9.10 3.16
C CYS A 213 -4.32 8.73 4.22
N ASP A 214 -4.15 7.43 4.47
CA ASP A 214 -3.21 6.97 5.47
C ASP A 214 -2.55 5.68 5.00
N GLY A 215 -1.73 5.09 5.86
CA GLY A 215 -1.00 3.89 5.52
C GLY A 215 -1.71 2.59 5.79
N ASN A 216 -3.01 2.62 6.11
CA ASN A 216 -3.65 1.39 6.59
CA ASN A 216 -3.72 1.44 6.61
C ASN A 216 -4.48 0.71 5.50
N ARG A 217 -3.76 0.17 4.51
CA ARG A 217 -4.42 -0.60 3.46
C ARG A 217 -5.19 -1.79 4.02
N TYR A 218 -4.67 -2.42 5.08
CA TYR A 218 -5.38 -3.55 5.68
C TYR A 218 -6.78 -3.15 6.11
N GLN A 219 -6.90 -2.00 6.77
CA GLN A 219 -8.21 -1.57 7.28
C GLN A 219 -9.06 -0.91 6.20
N ASN A 220 -8.44 -0.25 5.23
CA ASN A 220 -9.22 0.51 4.25
C ASN A 220 -9.60 -0.32 3.03
N CYS A 221 -8.87 -1.39 2.76
CA CYS A 221 -8.98 -2.14 1.52
C CYS A 221 -9.27 -3.62 1.79
N GLY A 222 -10.03 -3.91 2.84
CA GLY A 222 -10.60 -5.23 2.99
C GLY A 222 -9.68 -6.30 3.51
N GLY A 223 -8.50 -5.95 4.04
CA GLY A 223 -7.63 -6.97 4.60
C GLY A 223 -8.22 -7.66 5.80
N ASN A 224 -8.98 -6.91 6.61
CA ASN A 224 -9.65 -7.51 7.74
C ASN A 224 -10.61 -8.61 7.32
N VAL A 225 -11.22 -8.46 6.13
CA VAL A 225 -12.09 -9.50 5.61
C VAL A 225 -11.28 -10.71 5.15
N LEU A 226 -10.10 -10.47 4.57
CA LEU A 226 -9.30 -11.59 4.07
C LEU A 226 -8.82 -12.51 5.19
N VAL A 227 -8.58 -11.98 6.37
CA VAL A 227 -8.06 -12.78 7.47
C VAL A 227 -9.22 -13.35 8.30
C1 GOL B . 7.67 -8.54 3.21
O1 GOL B . 6.76 -9.39 2.54
C2 GOL B . 8.21 -9.25 4.49
O2 GOL B . 9.11 -8.46 5.19
C3 GOL B . 8.84 -10.59 4.05
O3 GOL B . 9.45 -11.14 5.20
C1 GOL C . -12.20 1.91 6.57
O1 GOL C . -11.65 2.98 5.84
C2 GOL C . -12.47 2.41 8.03
O2 GOL C . -13.32 3.50 8.07
C3 GOL C . -11.08 2.71 8.63
O3 GOL C . -11.31 3.46 9.79
#